data_8Q7G
#
_entry.id   8Q7G
#
_cell.length_a   62.360
_cell.length_b   71.640
_cell.length_c   121.300
_cell.angle_alpha   90.000
_cell.angle_beta   90.000
_cell.angle_gamma   90.000
#
_symmetry.space_group_name_H-M   'P 21 21 21'
#
loop_
_entity.id
_entity.type
_entity.pdbx_description
1 polymer 'Carbonic anhydrase 1'
2 non-polymer 'ZINC ION'
3 non-polymer 'ACETATE ION'
4 non-polymer 1,1-bis(oxidanyl)-3,4-dihydro-2,1$l^{4}-benzoxaborinine
5 water water
#
_entity_poly.entity_id   1
_entity_poly.type   'polypeptide(L)'
_entity_poly.pdbx_seq_one_letter_code
;MASPDWGYDDKNGPEQWSKLYPIANGNNQSPVDIKTSETKHDTSLKPISVSYNPATAKEIINVGHSFHVNFEDNDNRSVL
KGGPFSDSYRLFQFHFHWGSTNEHGSEHTVDGVKYSAELHVAHWNSAKYSSLAEAASKADGLAVIGVLMKVGEANPKLQK
VLDALQAIKTKGKRAPFTNFDPSTLLPSSLDFWTYPGSLTHPPLYESVTWIICKESISVSSEQLAQFRSLLSNVEGDNAV
PMQHNNRPTQPLKGRTVRASF
;
_entity_poly.pdbx_strand_id   AAA,BBB
#
# COMPACT_ATOMS: atom_id res chain seq x y z
N TRP A 6 -1.64 -23.81 0.06
CA TRP A 6 -0.27 -23.39 -0.35
C TRP A 6 -0.22 -21.86 -0.39
N GLY A 7 0.97 -21.29 -0.22
CA GLY A 7 1.18 -19.84 -0.32
C GLY A 7 2.65 -19.55 -0.52
N TYR A 8 3.07 -18.41 0.00
CA TYR A 8 4.47 -17.96 -0.05
C TYR A 8 4.98 -17.68 1.36
N ASP A 9 4.24 -18.04 2.41
CA ASP A 9 4.70 -17.77 3.81
C ASP A 9 5.64 -18.90 4.25
N ASP A 10 6.22 -18.79 5.44
CA ASP A 10 7.26 -19.76 5.90
C ASP A 10 6.69 -21.17 5.89
N LYS A 11 5.45 -21.32 6.34
CA LYS A 11 4.84 -22.64 6.60
C LYS A 11 4.27 -23.26 5.32
N ASN A 12 3.75 -22.44 4.39
CA ASN A 12 3.01 -22.99 3.22
C ASN A 12 3.74 -22.65 1.92
N GLY A 13 5.00 -22.20 2.01
CA GLY A 13 5.72 -21.56 0.90
C GLY A 13 6.44 -22.56 0.02
N PRO A 14 7.15 -22.04 -1.01
CA PRO A 14 7.86 -22.88 -1.96
C PRO A 14 8.70 -24.05 -1.42
N GLU A 15 9.41 -23.82 -0.31
CA GLU A 15 10.36 -24.84 0.22
C GLU A 15 9.56 -26.05 0.72
N GLN A 16 8.25 -25.86 0.94
CA GLN A 16 7.30 -26.85 1.51
C GLN A 16 6.33 -27.42 0.48
N TRP A 17 6.32 -26.94 -0.77
CA TRP A 17 5.25 -27.29 -1.75
C TRP A 17 5.32 -28.78 -2.06
N SER A 18 6.49 -29.41 -1.95
CA SER A 18 6.69 -30.81 -2.39
C SER A 18 5.82 -31.74 -1.54
N LYS A 19 5.45 -31.35 -0.31
CA LYS A 19 4.71 -32.26 0.61
C LYS A 19 3.34 -32.54 0.00
N LEU A 20 2.74 -31.55 -0.65
CA LEU A 20 1.39 -31.66 -1.22
C LEU A 20 1.49 -31.85 -2.75
N TYR A 21 2.56 -31.35 -3.37
CA TYR A 21 2.77 -31.41 -4.83
C TYR A 21 4.13 -31.99 -5.14
N PRO A 22 4.24 -33.32 -5.14
CA PRO A 22 5.56 -33.96 -5.28
C PRO A 22 6.29 -33.59 -6.58
N ILE A 23 5.55 -33.13 -7.61
CA ILE A 23 6.16 -32.67 -8.89
C ILE A 23 7.08 -31.46 -8.63
N ALA A 24 6.94 -30.79 -7.49
CA ALA A 24 7.84 -29.68 -7.06
C ALA A 24 9.30 -30.09 -7.26
N ASN A 25 9.64 -31.37 -7.05
CA ASN A 25 11.03 -31.89 -7.15
C ASN A 25 11.23 -32.62 -8.48
N GLY A 26 10.44 -32.27 -9.50
CA GLY A 26 10.48 -32.90 -10.82
C GLY A 26 11.67 -32.47 -11.66
N ASN A 27 11.75 -32.94 -12.89
CA ASN A 27 12.87 -32.70 -13.83
C ASN A 27 12.59 -31.53 -14.75
N ASN A 28 11.39 -30.94 -14.71
CA ASN A 28 11.02 -29.86 -15.65
C ASN A 28 10.42 -28.68 -14.88
N GLN A 29 10.99 -28.35 -13.73
CA GLN A 29 10.43 -27.31 -12.83
C GLN A 29 10.94 -25.92 -13.23
N SER A 30 10.09 -24.94 -13.02
CA SER A 30 10.38 -23.51 -13.32
C SER A 30 10.18 -22.67 -12.08
N PRO A 31 10.80 -21.48 -11.96
CA PRO A 31 11.72 -20.94 -12.93
C PRO A 31 13.13 -21.50 -12.82
N VAL A 32 14.03 -20.98 -13.64
CA VAL A 32 15.44 -21.45 -13.70
C VAL A 32 16.33 -20.20 -13.76
N ASP A 33 17.60 -20.42 -13.42
CA ASP A 33 18.68 -19.46 -13.77
C ASP A 33 19.18 -19.76 -15.17
N ILE A 34 19.14 -18.77 -16.05
CA ILE A 34 19.62 -18.91 -17.43
C ILE A 34 21.10 -18.51 -17.45
N LYS A 35 21.98 -19.51 -17.57
CA LYS A 35 23.44 -19.27 -17.70
C LYS A 35 23.78 -19.08 -19.18
N THR A 36 24.10 -17.85 -19.55
CA THR A 36 24.18 -17.48 -20.99
C THR A 36 25.34 -18.20 -21.70
N SER A 37 26.36 -18.65 -20.97
CA SER A 37 27.51 -19.39 -21.54
C SER A 37 27.12 -20.85 -21.81
N GLU A 38 26.00 -21.32 -21.25
CA GLU A 38 25.46 -22.70 -21.47
C GLU A 38 24.26 -22.71 -22.43
N THR A 39 23.81 -21.59 -22.98
CA THR A 39 22.68 -21.60 -23.95
C THR A 39 23.13 -22.13 -25.31
N LYS A 40 22.22 -22.75 -26.07
CA LYS A 40 22.54 -23.23 -27.42
C LYS A 40 21.78 -22.38 -28.42
N HIS A 41 22.51 -21.58 -29.20
CA HIS A 41 21.84 -20.82 -30.30
C HIS A 41 21.21 -21.87 -31.19
N ASP A 42 19.92 -21.72 -31.50
CA ASP A 42 19.17 -22.65 -32.37
C ASP A 42 18.67 -21.91 -33.61
N THR A 43 19.15 -22.36 -34.78
CA THR A 43 18.94 -21.70 -36.10
C THR A 43 17.50 -21.91 -36.61
N SER A 44 16.81 -22.95 -36.12
CA SER A 44 15.42 -23.33 -36.51
C SER A 44 14.37 -22.44 -35.81
N LEU A 45 14.73 -21.68 -34.77
CA LEU A 45 13.77 -20.82 -34.04
C LEU A 45 13.31 -19.66 -34.90
N LYS A 46 12.00 -19.61 -35.13
CA LYS A 46 11.36 -18.50 -35.85
C LYS A 46 11.16 -17.37 -34.86
N PRO A 47 10.99 -16.14 -35.38
CA PRO A 47 10.62 -15.03 -34.52
C PRO A 47 9.27 -15.35 -33.86
N ILE A 48 9.11 -14.85 -32.63
CA ILE A 48 7.80 -14.85 -31.91
C ILE A 48 6.88 -13.86 -32.60
N SER A 49 5.63 -14.27 -32.82
CA SER A 49 4.55 -13.45 -33.40
C SER A 49 3.43 -13.39 -32.35
N VAL A 50 3.12 -12.22 -31.85
CA VAL A 50 1.88 -12.04 -31.05
C VAL A 50 0.91 -11.15 -31.80
N SER A 51 -0.34 -11.56 -31.78
CA SER A 51 -1.43 -10.75 -32.35
C SER A 51 -2.61 -10.83 -31.38
N TYR A 52 -2.78 -9.83 -30.56
CA TYR A 52 -3.86 -9.81 -29.55
C TYR A 52 -4.90 -8.75 -29.90
N ASN A 53 -6.15 -9.12 -29.71
CA ASN A 53 -7.29 -8.19 -29.90
C ASN A 53 -7.67 -7.59 -28.54
N PRO A 54 -7.69 -6.24 -28.36
CA PRO A 54 -7.96 -5.67 -27.03
C PRO A 54 -9.36 -5.99 -26.52
N ALA A 55 -10.29 -6.34 -27.43
CA ALA A 55 -11.68 -6.69 -27.06
C ALA A 55 -11.73 -8.04 -26.33
N THR A 56 -10.64 -8.81 -26.34
CA THR A 56 -10.60 -10.07 -25.56
C THR A 56 -10.31 -9.81 -24.07
N ALA A 57 -9.88 -8.63 -23.65
CA ALA A 57 -9.64 -8.39 -22.21
C ALA A 57 -10.97 -8.53 -21.47
N LYS A 58 -11.02 -9.20 -20.34
CA LYS A 58 -12.29 -9.52 -19.65
C LYS A 58 -12.36 -8.96 -18.23
N GLU A 59 -11.44 -9.36 -17.34
CA GLU A 59 -11.63 -9.24 -15.89
C GLU A 59 -10.27 -9.19 -15.20
N ILE A 60 -10.20 -8.46 -14.13
CA ILE A 60 -9.06 -8.48 -13.20
C ILE A 60 -9.53 -9.04 -11.86
N ILE A 61 -8.76 -9.91 -11.23
CA ILE A 61 -9.18 -10.70 -10.05
C ILE A 61 -8.07 -10.74 -9.04
N ASN A 62 -8.42 -10.48 -7.79
CA ASN A 62 -7.51 -10.72 -6.66
C ASN A 62 -7.62 -12.17 -6.26
N VAL A 63 -6.56 -12.95 -6.47
CA VAL A 63 -6.54 -14.40 -6.15
C VAL A 63 -5.77 -14.66 -4.86
N GLY A 64 -5.61 -13.64 -4.02
CA GLY A 64 -5.08 -13.84 -2.66
C GLY A 64 -3.58 -13.83 -2.58
N HIS A 65 -2.89 -14.51 -3.49
CA HIS A 65 -1.40 -14.52 -3.57
C HIS A 65 -0.90 -13.59 -4.67
N SER A 66 -1.80 -13.16 -5.55
CA SER A 66 -1.46 -12.37 -6.76
C SER A 66 -2.74 -11.77 -7.29
N PHE A 67 -2.66 -11.15 -8.43
CA PHE A 67 -3.84 -10.73 -9.21
C PHE A 67 -3.64 -11.21 -10.64
N HIS A 68 -4.77 -11.52 -11.29
CA HIS A 68 -4.77 -12.05 -12.67
C HIS A 68 -5.61 -11.13 -13.56
N VAL A 69 -5.17 -10.98 -14.78
CA VAL A 69 -5.98 -10.29 -15.83
C VAL A 69 -6.33 -11.38 -16.83
N ASN A 70 -7.61 -11.74 -16.89
CA ASN A 70 -8.10 -12.82 -17.74
C ASN A 70 -8.67 -12.25 -19.03
N PHE A 71 -8.54 -13.07 -20.05
CA PHE A 71 -9.00 -12.82 -21.45
C PHE A 71 -10.03 -13.87 -21.88
N GLU A 72 -11.03 -13.44 -22.64
CA GLU A 72 -11.92 -14.36 -23.37
C GLU A 72 -11.06 -15.24 -24.29
N ASP A 73 -11.25 -16.56 -24.22
CA ASP A 73 -10.44 -17.54 -24.96
C ASP A 73 -11.37 -18.50 -25.71
N ASN A 74 -12.48 -18.00 -26.25
CA ASN A 74 -13.43 -18.87 -27.01
C ASN A 74 -12.98 -19.03 -28.47
N ASP A 75 -12.08 -18.19 -28.97
CA ASP A 75 -11.66 -18.20 -30.38
C ASP A 75 -10.25 -17.65 -30.50
N ASN A 76 -9.73 -17.55 -31.73
CA ASN A 76 -8.31 -17.19 -32.00
C ASN A 76 -8.14 -15.70 -32.24
N ARG A 77 -8.93 -14.86 -31.59
CA ARG A 77 -8.75 -13.40 -31.71
C ARG A 77 -7.36 -12.97 -31.21
N SER A 78 -6.84 -13.66 -30.21
CA SER A 78 -5.60 -13.25 -29.52
C SER A 78 -4.69 -14.48 -29.45
N VAL A 79 -3.61 -14.48 -30.23
CA VAL A 79 -2.78 -15.68 -30.41
C VAL A 79 -1.27 -15.36 -30.39
N LEU A 80 -0.52 -16.37 -29.99
CA LEU A 80 0.96 -16.45 -30.06
C LEU A 80 1.32 -17.56 -31.08
N LYS A 81 2.29 -17.28 -31.93
CA LYS A 81 2.82 -18.22 -32.93
C LYS A 81 4.31 -17.98 -33.07
N GLY A 82 4.97 -18.86 -33.80
CA GLY A 82 6.39 -18.72 -34.12
C GLY A 82 7.24 -19.25 -33.00
N GLY A 83 8.44 -18.69 -32.87
CA GLY A 83 9.46 -19.23 -31.96
C GLY A 83 9.62 -20.72 -32.20
N PRO A 84 9.55 -21.54 -31.13
CA PRO A 84 9.74 -23.00 -31.24
C PRO A 84 8.46 -23.76 -31.61
N PHE A 85 7.35 -23.05 -31.82
CA PHE A 85 6.00 -23.65 -31.91
C PHE A 85 5.60 -23.88 -33.36
N SER A 86 4.92 -25.00 -33.59
CA SER A 86 4.18 -25.28 -34.85
C SER A 86 2.72 -24.89 -34.67
N ASP A 87 2.23 -25.00 -33.45
CA ASP A 87 0.80 -24.80 -33.06
C ASP A 87 0.56 -23.32 -32.72
N SER A 88 -0.63 -22.80 -33.01
CA SER A 88 -1.12 -21.48 -32.54
C SER A 88 -1.48 -21.61 -31.06
N TYR A 89 -1.07 -20.67 -30.19
CA TYR A 89 -1.47 -20.70 -28.77
C TYR A 89 -2.36 -19.51 -28.42
N ARG A 90 -3.44 -19.75 -27.67
CA ARG A 90 -4.49 -18.72 -27.46
C ARG A 90 -4.22 -18.00 -26.13
N LEU A 91 -4.14 -16.69 -26.14
CA LEU A 91 -3.94 -15.90 -24.89
C LEU A 91 -5.05 -16.22 -23.90
N PHE A 92 -4.75 -16.41 -22.60
CA PHE A 92 -5.85 -16.48 -21.61
C PHE A 92 -5.66 -15.57 -20.41
N GLN A 93 -4.42 -15.21 -20.06
CA GLN A 93 -4.20 -14.42 -18.85
C GLN A 93 -2.82 -13.74 -18.94
N PHE A 94 -2.67 -12.64 -18.20
CA PHE A 94 -1.31 -12.22 -17.77
C PHE A 94 -1.37 -11.90 -16.28
N HIS A 95 -0.19 -11.94 -15.66
CA HIS A 95 -0.02 -11.61 -14.23
C HIS A 95 1.45 -11.32 -13.98
N PHE A 96 1.75 -10.92 -12.75
CA PHE A 96 3.11 -10.55 -12.37
C PHE A 96 3.52 -11.39 -11.19
N HIS A 97 4.82 -11.41 -10.98
CA HIS A 97 5.40 -11.83 -9.69
C HIS A 97 6.31 -10.69 -9.23
N TRP A 98 6.45 -10.59 -7.91
CA TRP A 98 7.28 -9.54 -7.28
C TRP A 98 7.85 -10.09 -5.97
N GLY A 99 8.78 -9.31 -5.41
CA GLY A 99 9.48 -9.65 -4.16
C GLY A 99 9.22 -8.61 -3.09
N SER A 100 9.68 -8.85 -1.86
CA SER A 100 9.32 -7.97 -0.72
C SER A 100 10.10 -6.64 -0.79
N THR A 101 11.21 -6.62 -1.54
CA THR A 101 11.97 -5.37 -1.86
C THR A 101 12.47 -5.40 -3.31
N ASN A 102 13.03 -4.28 -3.77
CA ASN A 102 13.47 -4.12 -5.18
C ASN A 102 14.54 -5.15 -5.55
N GLU A 103 15.25 -5.69 -4.56
CA GLU A 103 16.49 -6.48 -4.75
C GLU A 103 16.19 -7.83 -5.41
N HIS A 104 14.98 -8.31 -5.26
CA HIS A 104 14.60 -9.61 -5.84
C HIS A 104 13.12 -9.44 -6.22
N GLY A 105 12.59 -10.40 -6.87
CA GLY A 105 11.15 -10.35 -7.17
C GLY A 105 10.88 -11.02 -8.48
N SER A 106 11.85 -11.10 -9.40
CA SER A 106 11.66 -11.93 -10.62
C SER A 106 11.66 -13.41 -10.19
N GLU A 107 11.20 -14.28 -11.08
CA GLU A 107 11.28 -15.74 -10.89
C GLU A 107 12.48 -16.25 -11.65
N HIS A 108 12.50 -16.08 -12.96
CA HIS A 108 13.73 -16.33 -13.76
C HIS A 108 14.82 -15.35 -13.31
N THR A 109 16.06 -15.85 -13.40
CA THR A 109 17.29 -15.04 -13.24
C THR A 109 18.16 -15.27 -14.46
N VAL A 110 19.03 -14.30 -14.74
CA VAL A 110 19.96 -14.43 -15.90
C VAL A 110 21.38 -14.24 -15.35
N ASP A 111 22.20 -15.29 -15.49
CA ASP A 111 23.60 -15.27 -14.94
C ASP A 111 23.54 -14.88 -13.47
N GLY A 112 22.57 -15.42 -12.70
CA GLY A 112 22.41 -15.20 -11.26
C GLY A 112 21.81 -13.87 -10.89
N VAL A 113 21.55 -12.99 -11.87
CA VAL A 113 21.00 -11.63 -11.58
C VAL A 113 19.49 -11.74 -11.37
N LYS A 114 19.05 -11.24 -10.23
CA LYS A 114 17.63 -11.15 -9.80
C LYS A 114 17.10 -9.78 -10.23
N TYR A 115 15.98 -9.76 -10.92
CA TYR A 115 15.23 -8.53 -11.25
C TYR A 115 14.16 -8.29 -10.22
N SER A 116 13.44 -7.16 -10.33
CA SER A 116 12.51 -6.65 -9.28
C SER A 116 11.12 -7.25 -9.44
N ALA A 117 10.79 -7.72 -10.66
CA ALA A 117 9.47 -8.37 -10.86
C ALA A 117 9.53 -9.10 -12.20
N GLU A 118 8.45 -9.77 -12.58
CA GLU A 118 8.40 -10.60 -13.80
C GLU A 118 6.95 -10.66 -14.25
N LEU A 119 6.77 -10.42 -15.53
CA LEU A 119 5.47 -10.48 -16.22
C LEU A 119 5.36 -11.84 -16.88
N HIS A 120 4.25 -12.53 -16.67
CA HIS A 120 3.88 -13.82 -17.34
C HIS A 120 2.68 -13.56 -18.24
N VAL A 121 2.84 -13.87 -19.51
CA VAL A 121 1.71 -13.77 -20.50
C VAL A 121 1.49 -15.24 -20.92
N ALA A 122 0.34 -15.81 -20.59
CA ALA A 122 0.08 -17.26 -20.67
C ALA A 122 -0.92 -17.54 -21.79
N HIS A 123 -0.67 -18.64 -22.48
CA HIS A 123 -1.46 -19.07 -23.66
C HIS A 123 -1.64 -20.59 -23.58
N TRP A 124 -2.65 -21.11 -24.27
CA TRP A 124 -2.89 -22.57 -24.28
C TRP A 124 -3.08 -23.05 -25.72
N ASN A 125 -2.69 -24.30 -25.94
CA ASN A 125 -2.57 -24.88 -27.30
C ASN A 125 -3.95 -25.24 -27.83
N SER A 126 -4.48 -24.37 -28.68
CA SER A 126 -5.88 -24.49 -29.19
C SER A 126 -5.88 -25.28 -30.50
N ALA A 127 -4.69 -25.61 -31.03
CA ALA A 127 -4.57 -26.48 -32.23
C ALA A 127 -4.80 -27.93 -31.76
N LYS A 128 -4.33 -28.28 -30.57
CA LYS A 128 -4.31 -29.68 -30.08
C LYS A 128 -5.43 -29.92 -29.07
N TYR A 129 -5.84 -28.91 -28.29
CA TYR A 129 -6.74 -29.07 -27.12
C TYR A 129 -7.95 -28.18 -27.31
N SER A 130 -8.99 -28.47 -26.54
CA SER A 130 -10.28 -27.78 -26.65
C SER A 130 -10.47 -26.75 -25.53
N SER A 131 -9.66 -26.78 -24.48
CA SER A 131 -9.87 -25.85 -23.34
C SER A 131 -8.56 -25.67 -22.60
N LEU A 132 -8.46 -24.57 -21.85
CA LEU A 132 -7.39 -24.39 -20.85
C LEU A 132 -7.34 -25.61 -19.92
N ALA A 133 -8.47 -26.01 -19.34
CA ALA A 133 -8.50 -27.12 -18.36
C ALA A 133 -7.88 -28.40 -18.95
N GLU A 134 -8.18 -28.74 -20.21
CA GLU A 134 -7.54 -29.88 -20.91
C GLU A 134 -6.04 -29.63 -21.09
N ALA A 135 -5.66 -28.47 -21.61
CA ALA A 135 -4.28 -28.15 -22.03
C ALA A 135 -3.31 -28.07 -20.83
N ALA A 136 -3.80 -27.75 -19.64
CA ALA A 136 -2.97 -27.18 -18.55
C ALA A 136 -2.08 -28.27 -18.00
N SER A 137 -2.44 -29.56 -18.17
CA SER A 137 -1.63 -30.68 -17.64
C SER A 137 -0.85 -31.39 -18.77
N LYS A 138 -0.90 -30.91 -20.03
CA LYS A 138 -0.22 -31.56 -21.19
C LYS A 138 1.17 -30.94 -21.43
N ALA A 139 2.17 -31.76 -21.80
CA ALA A 139 3.56 -31.31 -21.94
C ALA A 139 3.63 -30.16 -22.93
N ASP A 140 2.83 -30.17 -23.99
CA ASP A 140 2.77 -29.14 -25.05
C ASP A 140 1.54 -28.24 -24.89
N GLY A 141 1.00 -28.12 -23.69
CA GLY A 141 -0.31 -27.49 -23.48
C GLY A 141 -0.25 -25.97 -23.35
N LEU A 142 0.79 -25.45 -22.69
CA LEU A 142 0.89 -24.01 -22.36
C LEU A 142 2.16 -23.38 -22.94
N ALA A 143 2.02 -22.11 -23.33
CA ALA A 143 3.16 -21.31 -23.80
C ALA A 143 3.11 -20.01 -22.98
N VAL A 144 4.21 -19.66 -22.34
CA VAL A 144 4.20 -18.50 -21.44
C VAL A 144 5.40 -17.62 -21.77
N ILE A 145 5.13 -16.35 -22.04
CA ILE A 145 6.18 -15.32 -22.25
C ILE A 145 6.50 -14.78 -20.86
N GLY A 146 7.78 -14.83 -20.49
CA GLY A 146 8.30 -14.19 -19.27
C GLY A 146 9.08 -12.95 -19.65
N VAL A 147 8.78 -11.85 -18.99
CA VAL A 147 9.51 -10.57 -19.20
C VAL A 147 10.08 -10.16 -17.84
N LEU A 148 11.41 -9.97 -17.77
CA LEU A 148 12.09 -9.51 -16.56
C LEU A 148 11.86 -8.01 -16.40
N MET A 149 11.50 -7.57 -15.21
CA MET A 149 11.16 -6.16 -14.94
C MET A 149 12.23 -5.54 -14.03
N LYS A 150 12.93 -4.56 -14.57
CA LYS A 150 14.12 -3.97 -13.92
C LYS A 150 13.74 -2.63 -13.30
N VAL A 151 13.99 -2.48 -12.03
CA VAL A 151 13.54 -1.27 -11.31
C VAL A 151 14.30 -0.08 -11.88
N GLY A 152 13.57 0.97 -12.18
CA GLY A 152 14.08 2.19 -12.82
C GLY A 152 12.96 3.16 -13.05
N GLU A 153 12.85 3.65 -14.28
CA GLU A 153 11.86 4.70 -14.64
C GLU A 153 10.47 4.07 -14.57
N ALA A 154 9.51 4.84 -14.11
CA ALA A 154 8.07 4.43 -14.19
C ALA A 154 7.75 3.98 -15.61
N ASN A 155 6.97 2.91 -15.71
CA ASN A 155 6.56 2.37 -17.02
C ASN A 155 5.14 2.80 -17.29
N PRO A 156 4.86 3.72 -18.21
CA PRO A 156 3.47 4.15 -18.40
C PRO A 156 2.54 3.08 -18.98
N LYS A 157 3.09 2.02 -19.57
CA LYS A 157 2.30 0.95 -20.22
C LYS A 157 1.58 0.17 -19.11
N LEU A 158 2.07 0.23 -17.88
CA LEU A 158 1.41 -0.44 -16.74
C LEU A 158 0.21 0.32 -16.21
N GLN A 159 -0.10 1.52 -16.73
CA GLN A 159 -1.01 2.48 -16.06
C GLN A 159 -2.41 1.89 -15.93
N LYS A 160 -2.99 1.33 -16.99
CA LYS A 160 -4.39 0.83 -16.88
C LYS A 160 -4.39 -0.24 -15.78
N VAL A 161 -3.37 -1.10 -15.76
CA VAL A 161 -3.35 -2.25 -14.80
C VAL A 161 -3.27 -1.71 -13.38
N LEU A 162 -2.34 -0.79 -13.11
CA LEU A 162 -2.14 -0.26 -11.74
C LEU A 162 -3.39 0.48 -11.28
N ASP A 163 -4.02 1.24 -12.17
CA ASP A 163 -5.21 2.08 -11.88
C ASP A 163 -6.36 1.15 -11.46
N ALA A 164 -6.36 -0.10 -11.93
CA ALA A 164 -7.48 -1.03 -11.68
C ALA A 164 -7.37 -1.63 -10.27
N LEU A 165 -6.20 -1.66 -9.63
CA LEU A 165 -5.99 -2.44 -8.41
C LEU A 165 -6.88 -1.89 -7.27
N GLN A 166 -7.16 -0.58 -7.24
CA GLN A 166 -7.95 -0.04 -6.11
C GLN A 166 -9.35 -0.65 -6.08
N ALA A 167 -9.83 -1.30 -7.16
CA ALA A 167 -11.16 -1.97 -7.18
C ALA A 167 -11.10 -3.43 -6.79
N ILE A 168 -9.90 -4.02 -6.62
CA ILE A 168 -9.75 -5.45 -6.26
C ILE A 168 -8.76 -5.55 -5.13
N LYS A 169 -8.90 -4.69 -4.12
CA LYS A 169 -7.88 -4.63 -3.07
C LYS A 169 -7.77 -5.90 -2.25
N THR A 170 -8.88 -6.63 -2.03
CA THR A 170 -8.90 -7.81 -1.13
C THR A 170 -9.31 -9.09 -1.89
N LYS A 171 -8.91 -10.17 -1.27
CA LYS A 171 -9.00 -11.54 -1.83
C LYS A 171 -10.41 -11.77 -2.37
N GLY A 172 -10.49 -12.28 -3.58
CA GLY A 172 -11.79 -12.61 -4.21
C GLY A 172 -12.45 -11.49 -4.96
N LYS A 173 -12.11 -10.21 -4.74
CA LYS A 173 -12.70 -9.12 -5.52
C LYS A 173 -12.27 -9.23 -6.99
N ARG A 174 -13.18 -8.89 -7.86
CA ARG A 174 -12.96 -8.98 -9.31
C ARG A 174 -13.72 -7.83 -9.94
N ALA A 175 -13.21 -7.34 -11.06
CA ALA A 175 -13.85 -6.23 -11.76
C ALA A 175 -13.65 -6.43 -13.24
N PRO A 176 -14.51 -5.81 -14.08
CA PRO A 176 -14.28 -5.80 -15.50
C PRO A 176 -12.97 -5.08 -15.83
N PHE A 177 -12.25 -5.64 -16.80
CA PHE A 177 -10.98 -5.05 -17.28
C PHE A 177 -10.94 -5.26 -18.78
N THR A 178 -11.32 -4.22 -19.54
CA THR A 178 -11.65 -4.35 -20.97
C THR A 178 -10.73 -3.47 -21.85
N ASN A 179 -10.71 -3.80 -23.11
CA ASN A 179 -10.10 -3.01 -24.19
C ASN A 179 -8.62 -2.78 -23.91
N PHE A 180 -7.88 -3.88 -23.77
CA PHE A 180 -6.45 -3.83 -23.38
C PHE A 180 -5.70 -4.90 -24.15
N ASP A 181 -4.66 -4.47 -24.84
CA ASP A 181 -3.76 -5.35 -25.63
C ASP A 181 -2.43 -5.52 -24.88
N PRO A 182 -2.18 -6.69 -24.29
CA PRO A 182 -1.00 -6.84 -23.41
C PRO A 182 0.30 -6.95 -24.22
N SER A 183 0.24 -7.01 -25.53
CA SER A 183 1.49 -6.89 -26.34
C SER A 183 2.13 -5.53 -26.07
N THR A 184 1.39 -4.54 -25.58
CA THR A 184 1.93 -3.19 -25.27
C THR A 184 2.92 -3.29 -24.10
N LEU A 185 2.91 -4.36 -23.33
CA LEU A 185 3.78 -4.50 -22.15
C LEU A 185 5.10 -5.14 -22.54
N LEU A 186 5.18 -5.74 -23.72
CA LEU A 186 6.35 -6.52 -24.15
C LEU A 186 7.47 -5.56 -24.55
N PRO A 187 8.74 -5.98 -24.41
CA PRO A 187 9.86 -5.13 -24.83
C PRO A 187 9.91 -5.00 -26.36
N SER A 188 10.65 -4.00 -26.88
CA SER A 188 10.74 -3.71 -28.33
C SER A 188 11.35 -4.91 -29.08
N SER A 189 12.38 -5.54 -28.56
CA SER A 189 13.02 -6.75 -29.11
C SER A 189 12.31 -7.95 -28.51
N LEU A 190 11.88 -8.90 -29.33
CA LEU A 190 11.36 -10.19 -28.83
C LEU A 190 12.39 -11.30 -29.02
N ASP A 191 13.67 -10.94 -29.10
CA ASP A 191 14.76 -11.92 -28.87
C ASP A 191 14.52 -12.70 -27.58
N PHE A 192 14.69 -14.01 -27.58
CA PHE A 192 14.28 -14.84 -26.44
C PHE A 192 15.14 -16.05 -26.20
N TRP A 193 14.99 -16.61 -25.00
CA TRP A 193 15.41 -17.96 -24.59
C TRP A 193 14.16 -18.82 -24.50
N THR A 194 14.28 -20.10 -24.79
CA THR A 194 13.18 -21.05 -24.61
C THR A 194 13.72 -22.29 -23.93
N TYR A 195 12.93 -22.86 -23.05
CA TYR A 195 13.23 -24.15 -22.40
C TYR A 195 11.89 -24.76 -21.97
N PRO A 196 11.81 -26.10 -21.88
CA PRO A 196 10.63 -26.80 -21.37
C PRO A 196 10.60 -26.80 -19.84
N GLY A 197 9.49 -26.32 -19.26
CA GLY A 197 9.35 -26.29 -17.81
C GLY A 197 7.91 -26.32 -17.36
N SER A 198 7.60 -25.59 -16.30
CA SER A 198 6.39 -25.82 -15.51
C SER A 198 5.69 -24.51 -15.17
N LEU A 199 4.49 -24.68 -14.64
CA LEU A 199 3.88 -23.61 -13.84
C LEU A 199 4.78 -23.32 -12.63
N THR A 200 4.78 -22.08 -12.16
CA THR A 200 5.73 -21.68 -11.10
C THR A 200 5.09 -21.68 -9.73
N HIS A 201 3.83 -22.08 -9.61
CA HIS A 201 3.15 -22.32 -8.33
C HIS A 201 2.21 -23.50 -8.53
N PRO A 202 1.73 -24.09 -7.42
CA PRO A 202 0.82 -25.24 -7.51
C PRO A 202 -0.32 -24.89 -8.47
N PRO A 203 -0.72 -25.85 -9.32
CA PRO A 203 -0.30 -27.26 -9.20
C PRO A 203 1.02 -27.67 -9.86
N LEU A 204 1.82 -26.71 -10.35
CA LEU A 204 3.22 -26.97 -10.78
C LEU A 204 3.34 -27.98 -11.95
N TYR A 205 2.31 -28.10 -12.78
CA TYR A 205 2.33 -29.00 -13.95
C TYR A 205 3.49 -28.65 -14.91
N GLU A 206 4.15 -29.67 -15.43
CA GLU A 206 5.29 -29.57 -16.35
C GLU A 206 4.74 -29.48 -17.77
N SER A 207 3.99 -28.42 -18.05
CA SER A 207 3.17 -28.23 -19.25
C SER A 207 3.56 -26.95 -19.98
N VAL A 208 4.62 -26.24 -19.55
CA VAL A 208 4.93 -24.90 -20.10
C VAL A 208 6.19 -24.91 -20.99
N THR A 209 6.04 -24.41 -22.17
CA THR A 209 7.17 -23.97 -23.02
C THR A 209 7.38 -22.49 -22.71
N TRP A 210 8.52 -22.16 -22.11
CA TRP A 210 8.85 -20.80 -21.67
C TRP A 210 9.50 -20.05 -22.79
N ILE A 211 9.10 -18.81 -22.95
CA ILE A 211 9.70 -17.83 -23.88
C ILE A 211 10.17 -16.68 -22.99
N ILE A 212 11.46 -16.64 -22.66
CA ILE A 212 12.00 -15.58 -21.75
C ILE A 212 12.64 -14.51 -22.62
N CYS A 213 12.13 -13.30 -22.54
CA CYS A 213 12.67 -12.17 -23.34
C CYS A 213 14.05 -11.76 -22.85
N LYS A 214 14.97 -11.49 -23.81
CA LYS A 214 16.31 -11.11 -23.32
C LYS A 214 16.29 -9.64 -22.87
N GLU A 215 15.47 -8.79 -23.48
CA GLU A 215 15.32 -7.36 -23.09
CA GLU A 215 15.31 -7.36 -23.09
C GLU A 215 14.38 -7.29 -21.89
N SER A 216 14.75 -6.52 -20.90
CA SER A 216 13.87 -6.24 -19.74
C SER A 216 12.91 -5.09 -20.10
N ILE A 217 11.88 -4.94 -19.27
CA ILE A 217 11.04 -3.71 -19.28
C ILE A 217 11.24 -3.00 -17.94
N SER A 218 10.90 -1.74 -17.89
CA SER A 218 11.12 -0.95 -16.65
CA SER A 218 11.11 -0.95 -16.65
C SER A 218 9.90 -1.06 -15.72
N VAL A 219 10.13 -0.71 -14.47
CA VAL A 219 9.07 -0.54 -13.46
C VAL A 219 9.68 0.37 -12.41
N SER A 220 8.90 1.30 -11.84
CA SER A 220 9.44 2.14 -10.75
C SER A 220 9.29 1.45 -9.40
N SER A 221 10.07 1.90 -8.43
CA SER A 221 9.91 1.55 -7.00
CA SER A 221 9.90 1.44 -7.03
C SER A 221 8.47 1.71 -6.52
N GLU A 222 7.82 2.80 -6.97
CA GLU A 222 6.45 3.17 -6.48
C GLU A 222 5.44 2.27 -7.20
N GLN A 223 5.67 1.90 -8.46
CA GLN A 223 4.78 0.92 -9.14
C GLN A 223 4.87 -0.44 -8.42
N LEU A 224 6.04 -0.93 -8.04
CA LEU A 224 6.20 -2.21 -7.30
C LEU A 224 5.48 -2.10 -5.95
N ALA A 225 5.57 -0.93 -5.31
CA ALA A 225 4.81 -0.71 -4.06
C ALA A 225 3.30 -0.89 -4.30
N GLN A 226 2.73 -0.52 -5.44
CA GLN A 226 1.28 -0.72 -5.68
C GLN A 226 0.98 -2.22 -5.71
N PHE A 227 1.81 -3.05 -6.32
CA PHE A 227 1.60 -4.51 -6.22
C PHE A 227 1.60 -4.95 -4.77
N ARG A 228 2.58 -4.50 -3.96
CA ARG A 228 2.78 -5.02 -2.59
C ARG A 228 1.68 -4.46 -1.66
N SER A 229 0.93 -3.46 -2.09
CA SER A 229 -0.17 -2.87 -1.29
C SER A 229 -1.46 -3.65 -1.56
N LEU A 230 -1.51 -4.55 -2.56
CA LEU A 230 -2.70 -5.45 -2.62
C LEU A 230 -2.79 -6.28 -1.37
N LEU A 231 -4.00 -6.70 -0.99
CA LEU A 231 -4.18 -7.44 0.28
C LEU A 231 -4.58 -8.88 0.02
N SER A 232 -3.98 -9.77 0.76
CA SER A 232 -4.23 -11.23 0.61
C SER A 232 -5.44 -11.66 1.42
N ASN A 233 -5.88 -10.84 2.36
CA ASN A 233 -7.04 -11.16 3.21
C ASN A 233 -8.34 -10.80 2.49
N VAL A 234 -9.47 -11.35 2.99
CA VAL A 234 -10.82 -10.92 2.53
C VAL A 234 -11.23 -9.64 3.26
N GLU A 235 -12.11 -8.91 2.61
CA GLU A 235 -12.66 -7.65 3.14
C GLU A 235 -13.13 -7.84 4.58
N GLY A 236 -12.74 -6.93 5.46
CA GLY A 236 -13.20 -6.91 6.87
C GLY A 236 -12.24 -7.62 7.79
N ASP A 237 -11.32 -8.42 7.27
CA ASP A 237 -10.25 -9.06 8.10
C ASP A 237 -9.07 -8.09 8.24
N ASN A 238 -8.18 -8.39 9.20
CA ASN A 238 -6.86 -7.74 9.38
C ASN A 238 -6.20 -7.68 7.99
N ALA A 239 -5.73 -6.51 7.60
CA ALA A 239 -4.98 -6.29 6.34
C ALA A 239 -3.65 -7.08 6.35
N VAL A 240 -3.43 -7.85 5.30
CA VAL A 240 -2.19 -8.65 5.13
C VAL A 240 -1.70 -8.32 3.72
N PRO A 241 -0.78 -7.35 3.56
CA PRO A 241 -0.20 -7.08 2.25
C PRO A 241 0.41 -8.30 1.55
N MET A 242 0.26 -8.31 0.24
CA MET A 242 0.88 -9.30 -0.68
C MET A 242 2.33 -8.88 -0.90
N GLN A 243 3.21 -9.22 0.02
CA GLN A 243 4.57 -8.68 -0.04
C GLN A 243 5.39 -9.37 -1.14
N HIS A 244 5.15 -10.66 -1.41
CA HIS A 244 5.97 -11.39 -2.42
C HIS A 244 5.21 -12.62 -2.93
N ASN A 245 5.58 -13.07 -4.12
CA ASN A 245 4.99 -14.28 -4.70
C ASN A 245 5.92 -14.90 -5.73
N ASN A 246 7.24 -14.76 -5.56
CA ASN A 246 8.19 -15.34 -6.50
C ASN A 246 8.77 -16.63 -5.96
N ARG A 247 8.84 -17.63 -6.80
CA ARG A 247 9.43 -18.93 -6.43
C ARG A 247 10.93 -18.87 -6.71
N PRO A 248 11.78 -19.48 -5.85
CA PRO A 248 13.19 -19.63 -6.20
C PRO A 248 13.41 -20.41 -7.50
N THR A 249 14.57 -20.20 -8.11
CA THR A 249 14.99 -20.98 -9.28
C THR A 249 15.25 -22.44 -8.89
N GLN A 250 15.02 -23.31 -9.88
CA GLN A 250 15.01 -24.76 -9.72
C GLN A 250 16.07 -25.37 -10.62
N PRO A 251 16.52 -26.59 -10.27
CA PRO A 251 17.55 -27.27 -11.05
C PRO A 251 17.21 -27.58 -12.51
N LEU A 252 18.13 -27.35 -13.44
CA LEU A 252 17.89 -27.60 -14.88
C LEU A 252 17.74 -29.10 -15.16
N LYS A 253 18.44 -29.96 -14.41
CA LYS A 253 18.34 -31.43 -14.55
C LYS A 253 18.58 -31.79 -16.02
N GLY A 254 19.61 -31.20 -16.63
CA GLY A 254 20.06 -31.50 -17.99
C GLY A 254 19.16 -30.97 -19.09
N ARG A 255 18.21 -30.09 -18.77
CA ARG A 255 17.52 -29.38 -19.87
C ARG A 255 18.49 -28.41 -20.54
N THR A 256 18.22 -28.14 -21.79
CA THR A 256 18.95 -27.16 -22.62
C THR A 256 18.09 -25.90 -22.70
N VAL A 257 18.66 -24.75 -22.33
CA VAL A 257 18.04 -23.47 -22.71
C VAL A 257 18.56 -23.06 -24.10
N ARG A 258 17.67 -22.91 -25.07
CA ARG A 258 17.98 -22.46 -26.44
C ARG A 258 17.80 -20.94 -26.55
N ALA A 259 18.67 -20.30 -27.34
CA ALA A 259 18.65 -18.86 -27.63
C ALA A 259 18.23 -18.60 -29.08
N SER A 260 17.39 -17.62 -29.30
CA SER A 260 16.91 -17.24 -30.66
C SER A 260 17.94 -16.32 -31.34
N PHE A 261 18.96 -15.93 -30.60
CA PHE A 261 19.87 -14.79 -30.97
C PHE A 261 21.31 -15.18 -30.65
N ASP B 5 17.55 11.75 12.92
CA ASP B 5 16.50 12.63 13.51
C ASP B 5 15.61 11.74 14.40
N TRP B 6 14.33 11.63 14.08
CA TRP B 6 13.33 10.94 14.93
C TRP B 6 12.31 10.22 14.04
N GLY B 7 11.71 9.17 14.55
CA GLY B 7 10.67 8.41 13.86
C GLY B 7 9.90 7.56 14.82
N TYR B 8 9.47 6.37 14.38
CA TYR B 8 8.64 5.44 15.15
C TYR B 8 9.27 4.06 15.15
N ASP B 9 10.47 3.92 14.59
CA ASP B 9 11.22 2.63 14.62
C ASP B 9 11.91 2.45 15.98
N ASP B 10 12.52 1.28 16.19
CA ASP B 10 13.20 0.98 17.47
C ASP B 10 14.38 1.93 17.63
N LYS B 11 15.08 2.22 16.54
CA LYS B 11 16.31 3.07 16.54
C LYS B 11 15.97 4.52 16.91
N ASN B 12 14.87 5.11 16.42
CA ASN B 12 14.63 6.57 16.52
C ASN B 12 13.23 6.89 17.09
N GLY B 13 12.62 5.91 17.75
CA GLY B 13 11.20 5.92 18.11
C GLY B 13 10.96 6.61 19.44
N PRO B 14 9.68 6.64 19.87
CA PRO B 14 9.27 7.33 21.08
C PRO B 14 10.08 7.07 22.36
N GLU B 15 10.56 5.83 22.51
CA GLU B 15 11.37 5.49 23.71
C GLU B 15 12.73 6.23 23.69
N GLN B 16 13.17 6.70 22.53
CA GLN B 16 14.51 7.31 22.28
C GLN B 16 14.37 8.84 22.12
N TRP B 17 13.16 9.39 22.05
CA TRP B 17 12.99 10.81 21.67
C TRP B 17 13.65 11.73 22.71
N SER B 18 13.67 11.37 23.98
CA SER B 18 14.16 12.28 25.07
C SER B 18 15.65 12.65 24.81
N LYS B 19 16.40 11.85 24.06
CA LYS B 19 17.85 12.13 23.82
C LYS B 19 17.95 13.46 23.07
N LEU B 20 17.14 13.61 22.03
CA LEU B 20 17.20 14.82 21.17
C LEU B 20 16.17 15.86 21.65
N TYR B 21 15.12 15.45 22.37
CA TYR B 21 14.00 16.33 22.77
C TYR B 21 13.71 16.05 24.23
N PRO B 22 14.53 16.60 25.17
CA PRO B 22 14.36 16.30 26.58
C PRO B 22 12.99 16.54 27.22
N ILE B 23 12.19 17.42 26.61
CA ILE B 23 10.78 17.71 27.02
C ILE B 23 9.90 16.45 26.91
N ALA B 24 10.37 15.42 26.20
CA ALA B 24 9.66 14.12 26.07
C ALA B 24 9.34 13.57 27.47
N ASN B 25 10.20 13.88 28.46
CA ASN B 25 10.02 13.40 29.86
C ASN B 25 9.40 14.48 30.74
N GLY B 26 8.72 15.46 30.15
CA GLY B 26 8.11 16.59 30.83
C GLY B 26 6.86 16.25 31.59
N ASN B 27 6.25 17.27 32.16
CA ASN B 27 5.12 17.11 33.10
C ASN B 27 3.80 17.27 32.36
N ASN B 28 3.81 17.59 31.06
CA ASN B 28 2.55 17.89 30.35
C ASN B 28 2.59 17.18 29.00
N GLN B 29 3.07 15.96 28.99
CA GLN B 29 3.24 15.21 27.72
C GLN B 29 1.94 14.50 27.35
N SER B 30 1.75 14.34 26.04
CA SER B 30 0.57 13.73 25.41
C SER B 30 1.03 12.64 24.45
N PRO B 31 0.18 11.63 24.15
CA PRO B 31 -1.18 11.50 24.66
C PRO B 31 -1.21 10.96 26.10
N VAL B 32 -2.40 10.80 26.61
CA VAL B 32 -2.67 10.27 28.00
C VAL B 32 -3.80 9.25 27.89
N ASP B 33 -3.88 8.36 28.87
CA ASP B 33 -5.07 7.55 29.14
C ASP B 33 -6.07 8.39 29.92
N ILE B 34 -7.31 8.45 29.47
CA ILE B 34 -8.37 9.10 30.24
C ILE B 34 -9.11 8.06 31.07
N LYS B 35 -8.89 8.13 32.38
CA LYS B 35 -9.61 7.27 33.36
C LYS B 35 -10.90 7.97 33.71
N THR B 36 -12.03 7.46 33.24
CA THR B 36 -13.34 8.16 33.33
C THR B 36 -13.75 8.30 34.79
N SER B 37 -13.33 7.37 35.65
CA SER B 37 -13.64 7.42 37.10
C SER B 37 -12.92 8.61 37.78
N GLU B 38 -11.83 9.15 37.20
CA GLU B 38 -11.04 10.25 37.80
C GLU B 38 -11.27 11.60 37.08
N THR B 39 -12.17 11.65 36.09
CA THR B 39 -12.47 12.94 35.41
C THR B 39 -13.31 13.81 36.34
N LYS B 40 -13.21 15.12 36.15
CA LYS B 40 -13.92 16.12 36.98
C LYS B 40 -14.82 16.91 36.06
N HIS B 41 -16.08 17.03 36.39
CA HIS B 41 -16.99 17.91 35.62
C HIS B 41 -16.75 19.35 36.01
N ASP B 42 -16.54 20.19 35.01
CA ASP B 42 -16.23 21.62 35.19
C ASP B 42 -17.36 22.43 34.56
N THR B 43 -18.15 23.13 35.38
CA THR B 43 -19.33 23.88 34.90
C THR B 43 -18.93 25.05 34.02
N SER B 44 -17.66 25.46 34.03
CA SER B 44 -17.19 26.63 33.25
C SER B 44 -16.95 26.20 31.80
N LEU B 45 -16.92 24.91 31.53
CA LEU B 45 -16.65 24.45 30.14
C LEU B 45 -17.89 24.68 29.29
N LYS B 46 -17.76 25.55 28.31
CA LYS B 46 -18.85 25.78 27.34
C LYS B 46 -18.82 24.72 26.25
N PRO B 47 -19.88 24.57 25.48
CA PRO B 47 -19.82 23.70 24.30
C PRO B 47 -18.72 24.19 23.35
N ILE B 48 -18.13 23.25 22.61
CA ILE B 48 -17.16 23.60 21.56
C ILE B 48 -17.95 24.04 20.33
N SER B 49 -17.49 25.10 19.68
CA SER B 49 -18.08 25.65 18.43
C SER B 49 -16.98 25.61 17.37
N VAL B 50 -17.24 24.87 16.30
CA VAL B 50 -16.32 24.89 15.14
C VAL B 50 -17.07 25.53 13.97
N SER B 51 -16.44 26.57 13.45
CA SER B 51 -16.94 27.46 12.37
C SER B 51 -15.83 27.51 11.32
N TYR B 52 -15.82 26.51 10.48
CA TYR B 52 -14.77 26.38 9.46
C TYR B 52 -15.33 26.84 8.12
N ASN B 53 -14.42 27.38 7.30
CA ASN B 53 -14.72 27.90 5.95
C ASN B 53 -14.04 26.93 5.02
N PRO B 54 -14.78 26.19 4.19
CA PRO B 54 -14.18 25.16 3.36
C PRO B 54 -13.19 25.67 2.30
N ALA B 55 -13.27 26.96 2.00
CA ALA B 55 -12.33 27.59 1.03
C ALA B 55 -10.98 27.80 1.69
N THR B 56 -10.82 27.53 3.00
CA THR B 56 -9.48 27.63 3.62
C THR B 56 -8.67 26.34 3.38
N ALA B 57 -9.23 25.27 2.87
CA ALA B 57 -8.47 24.04 2.58
C ALA B 57 -7.40 24.38 1.54
N LYS B 58 -6.17 23.94 1.72
CA LYS B 58 -5.05 24.33 0.82
C LYS B 58 -4.36 23.13 0.17
N GLU B 59 -3.71 22.26 0.95
CA GLU B 59 -2.69 21.34 0.41
C GLU B 59 -2.63 20.07 1.24
N ILE B 60 -2.37 18.96 0.60
CA ILE B 60 -2.08 17.68 1.32
C ILE B 60 -0.62 17.36 1.05
N ILE B 61 0.09 16.85 2.05
CA ILE B 61 1.55 16.66 1.95
C ILE B 61 1.93 15.42 2.71
N ASN B 62 2.80 14.63 2.10
CA ASN B 62 3.45 13.49 2.74
C ASN B 62 4.66 13.99 3.53
N VAL B 63 4.62 13.84 4.85
CA VAL B 63 5.74 14.34 5.72
C VAL B 63 6.61 13.18 6.22
N GLY B 64 6.62 12.06 5.52
CA GLY B 64 7.55 10.96 5.83
C GLY B 64 7.00 10.03 6.86
N HIS B 65 6.58 10.54 8.02
CA HIS B 65 6.01 9.72 9.11
C HIS B 65 4.48 9.74 9.12
N SER B 66 3.88 10.65 8.34
CA SER B 66 2.41 10.85 8.30
C SER B 66 2.12 11.62 7.04
N PHE B 67 0.89 12.06 6.91
CA PHE B 67 0.46 13.04 5.88
C PHE B 67 -0.35 14.08 6.62
N HIS B 68 -0.29 15.31 6.12
CA HIS B 68 -1.02 16.45 6.71
C HIS B 68 -1.94 17.05 5.66
N VAL B 69 -3.06 17.57 6.10
CA VAL B 69 -3.95 18.43 5.26
C VAL B 69 -3.88 19.80 5.87
N ASN B 70 -3.26 20.75 5.17
CA ASN B 70 -3.03 22.10 5.66
C ASN B 70 -4.05 23.06 5.11
N PHE B 71 -4.33 24.06 5.92
CA PHE B 71 -5.33 25.13 5.66
C PHE B 71 -4.64 26.48 5.59
N GLU B 72 -5.19 27.41 4.80
CA GLU B 72 -4.74 28.81 4.84
C GLU B 72 -5.03 29.40 6.23
N ASP B 73 -4.08 30.03 6.89
CA ASP B 73 -4.25 30.49 8.29
C ASP B 73 -3.80 31.95 8.44
N ASN B 74 -4.03 32.75 7.40
CA ASN B 74 -3.66 34.20 7.42
C ASN B 74 -4.79 35.03 8.05
N ASP B 75 -5.99 34.47 8.21
CA ASP B 75 -7.09 35.19 8.87
C ASP B 75 -7.96 34.21 9.64
N ASN B 76 -8.98 34.73 10.30
CA ASN B 76 -9.85 33.94 11.21
C ASN B 76 -11.08 33.43 10.48
N ARG B 77 -11.04 33.11 9.19
CA ARG B 77 -12.19 32.47 8.49
C ARG B 77 -12.63 31.17 9.15
N SER B 78 -11.67 30.37 9.61
CA SER B 78 -11.93 29.00 10.16
C SER B 78 -11.42 28.97 11.60
N VAL B 79 -12.34 28.89 12.58
CA VAL B 79 -11.97 29.04 14.02
C VAL B 79 -12.70 28.02 14.87
N LEU B 80 -11.99 27.64 15.92
CA LEU B 80 -12.53 26.94 17.09
C LEU B 80 -12.75 27.99 18.20
N LYS B 81 -13.90 27.87 18.83
CA LYS B 81 -14.17 28.66 20.06
C LYS B 81 -14.92 27.80 21.05
N GLY B 82 -15.10 28.37 22.23
CA GLY B 82 -15.86 27.71 23.31
C GLY B 82 -15.01 26.74 24.09
N GLY B 83 -15.71 25.76 24.65
CA GLY B 83 -15.03 24.81 25.53
C GLY B 83 -14.33 25.55 26.65
N PRO B 84 -13.03 25.30 26.87
CA PRO B 84 -12.27 25.96 27.96
C PRO B 84 -11.69 27.33 27.56
N PHE B 85 -11.90 27.76 26.31
CA PHE B 85 -11.18 28.90 25.70
C PHE B 85 -11.99 30.20 25.85
N SER B 86 -11.30 31.32 26.05
CA SER B 86 -11.88 32.69 25.90
C SER B 86 -11.54 33.27 24.54
N ASP B 87 -10.42 32.83 23.94
CA ASP B 87 -9.91 33.27 22.61
C ASP B 87 -10.46 32.36 21.52
N SER B 88 -10.59 32.85 20.29
CA SER B 88 -10.75 31.99 19.08
C SER B 88 -9.37 31.46 18.65
N TYR B 89 -9.33 30.20 18.21
CA TYR B 89 -8.14 29.53 17.67
C TYR B 89 -8.37 29.24 16.19
N ARG B 90 -7.34 29.49 15.39
CA ARG B 90 -7.43 29.43 13.92
C ARG B 90 -7.04 28.02 13.45
N LEU B 91 -7.91 27.37 12.71
CA LEU B 91 -7.63 26.06 12.07
C LEU B 91 -6.37 26.17 11.23
N PHE B 92 -5.45 25.21 11.30
CA PHE B 92 -4.30 25.21 10.36
C PHE B 92 -4.06 23.85 9.73
N GLN B 93 -4.49 22.75 10.38
CA GLN B 93 -4.16 21.40 9.84
C GLN B 93 -5.10 20.35 10.41
N PHE B 94 -5.32 19.25 9.72
CA PHE B 94 -5.70 17.97 10.37
C PHE B 94 -4.83 16.85 9.80
N HIS B 95 -4.72 15.80 10.62
CA HIS B 95 -3.96 14.59 10.26
C HIS B 95 -4.42 13.45 11.16
N PHE B 96 -3.89 12.26 10.88
CA PHE B 96 -4.29 11.03 11.55
C PHE B 96 -3.03 10.43 12.19
N HIS B 97 -3.33 9.57 13.14
CA HIS B 97 -2.37 8.57 13.64
C HIS B 97 -3.00 7.19 13.48
N TRP B 98 -2.13 6.19 13.26
CA TRP B 98 -2.57 4.79 13.12
C TRP B 98 -1.46 3.86 13.63
N GLY B 99 -1.83 2.58 13.74
CA GLY B 99 -1.00 1.54 14.32
C GLY B 99 -0.71 0.45 13.30
N SER B 100 0.25 -0.40 13.65
CA SER B 100 0.66 -1.48 12.74
CA SER B 100 0.68 -1.54 12.81
C SER B 100 -0.47 -2.52 12.61
N THR B 101 -1.37 -2.60 13.60
CA THR B 101 -2.55 -3.51 13.61
C THR B 101 -3.81 -2.68 13.77
N ASN B 102 -4.98 -3.26 13.50
CA ASN B 102 -6.27 -2.61 13.88
C ASN B 102 -6.44 -2.54 15.41
N GLU B 103 -5.71 -3.33 16.21
CA GLU B 103 -5.98 -3.39 17.68
C GLU B 103 -5.32 -2.22 18.44
N HIS B 104 -4.45 -1.42 17.81
CA HIS B 104 -3.85 -0.27 18.52
C HIS B 104 -3.25 0.68 17.53
N GLY B 105 -3.99 1.74 17.28
CA GLY B 105 -3.49 2.81 16.42
C GLY B 105 -3.78 4.17 16.98
N SER B 106 -4.67 4.29 17.96
CA SER B 106 -4.95 5.64 18.52
C SER B 106 -3.78 6.07 19.38
N GLU B 107 -3.77 7.34 19.77
CA GLU B 107 -2.79 7.87 20.73
C GLU B 107 -3.44 7.94 22.09
N HIS B 108 -4.51 8.69 22.24
CA HIS B 108 -5.28 8.69 23.50
C HIS B 108 -5.96 7.33 23.67
N THR B 109 -6.11 6.95 24.95
CA THR B 109 -6.89 5.76 25.32
C THR B 109 -7.93 6.19 26.32
N VAL B 110 -8.99 5.39 26.49
CA VAL B 110 -10.07 5.64 27.46
C VAL B 110 -10.22 4.41 28.35
N ASP B 111 -9.87 4.56 29.63
CA ASP B 111 -9.95 3.40 30.59
C ASP B 111 -9.08 2.26 30.05
N GLY B 112 -7.95 2.62 29.48
CA GLY B 112 -6.96 1.68 28.96
C GLY B 112 -7.29 1.07 27.61
N VAL B 113 -8.43 1.42 27.00
CA VAL B 113 -8.86 0.85 25.70
C VAL B 113 -8.23 1.67 24.56
N LYS B 114 -7.51 0.97 23.69
CA LYS B 114 -6.84 1.50 22.49
C LYS B 114 -7.81 1.38 21.33
N TYR B 115 -7.98 2.44 20.56
CA TYR B 115 -8.79 2.42 19.31
C TYR B 115 -7.85 2.21 18.13
N SER B 116 -8.39 2.11 16.92
CA SER B 116 -7.65 1.76 15.71
C SER B 116 -6.88 2.93 15.12
N ALA B 117 -7.36 4.15 15.34
CA ALA B 117 -6.69 5.33 14.76
C ALA B 117 -7.22 6.54 15.53
N GLU B 118 -6.73 7.72 15.16
CA GLU B 118 -7.05 8.99 15.86
C GLU B 118 -6.89 10.12 14.85
N LEU B 119 -7.87 11.03 14.84
CA LEU B 119 -7.88 12.26 14.05
C LEU B 119 -7.44 13.40 14.96
N HIS B 120 -6.53 14.24 14.50
CA HIS B 120 -6.11 15.50 15.16
C HIS B 120 -6.52 16.64 14.23
N VAL B 121 -7.29 17.58 14.79
CA VAL B 121 -7.67 18.86 14.10
C VAL B 121 -7.02 19.98 14.92
N ALA B 122 -5.99 20.61 14.37
CA ALA B 122 -5.10 21.55 15.08
C ALA B 122 -5.37 23.01 14.75
N HIS B 123 -5.35 23.85 15.78
CA HIS B 123 -5.66 25.31 15.71
C HIS B 123 -4.62 26.07 16.52
N TRP B 124 -4.36 27.34 16.21
CA TRP B 124 -3.40 28.19 16.96
C TRP B 124 -4.04 29.52 17.41
N ASN B 125 -3.51 30.08 18.50
CA ASN B 125 -4.09 31.24 19.22
C ASN B 125 -3.80 32.55 18.50
N SER B 126 -4.71 32.94 17.61
CA SER B 126 -4.58 34.21 16.84
C SER B 126 -5.08 35.43 17.63
N ALA B 127 -5.71 35.28 18.78
CA ALA B 127 -5.97 36.41 19.72
C ALA B 127 -4.66 36.96 20.29
N LYS B 128 -3.78 36.08 20.81
CA LYS B 128 -2.56 36.44 21.58
C LYS B 128 -1.33 36.52 20.68
N TYR B 129 -1.29 35.66 19.66
CA TYR B 129 -0.08 35.48 18.83
C TYR B 129 -0.43 35.85 17.39
N SER B 130 0.61 36.04 16.59
CA SER B 130 0.44 36.57 15.22
C SER B 130 0.83 35.51 14.21
N SER B 131 1.40 34.39 14.65
CA SER B 131 1.74 33.29 13.73
C SER B 131 1.75 31.94 14.44
N LEU B 132 1.60 30.90 13.64
CA LEU B 132 1.77 29.50 14.11
C LEU B 132 3.15 29.37 14.73
N ALA B 133 4.19 29.85 14.03
CA ALA B 133 5.58 29.74 14.51
C ALA B 133 5.70 30.35 15.92
N GLU B 134 5.05 31.48 16.16
CA GLU B 134 5.09 32.16 17.48
C GLU B 134 4.31 31.31 18.48
N ALA B 135 3.11 30.88 18.10
CA ALA B 135 2.10 30.23 18.98
C ALA B 135 2.56 28.82 19.40
N ALA B 136 3.34 28.14 18.57
CA ALA B 136 3.57 26.68 18.72
C ALA B 136 4.31 26.34 20.01
N SER B 137 5.14 27.22 20.57
CA SER B 137 5.97 26.88 21.78
C SER B 137 5.37 27.47 23.06
N LYS B 138 4.17 28.06 23.02
CA LYS B 138 3.51 28.82 24.10
C LYS B 138 2.46 27.94 24.78
N ALA B 139 2.36 27.97 26.12
CA ALA B 139 1.44 27.07 26.87
C ALA B 139 0.00 27.21 26.34
N ASP B 140 -0.41 28.42 25.98
CA ASP B 140 -1.78 28.74 25.51
C ASP B 140 -1.81 28.86 23.98
N GLY B 141 -0.81 28.33 23.28
CA GLY B 141 -0.62 28.58 21.85
C GLY B 141 -1.49 27.71 20.94
N LEU B 142 -1.75 26.45 21.30
CA LEU B 142 -2.44 25.53 20.37
C LEU B 142 -3.67 24.89 21.05
N ALA B 143 -4.64 24.55 20.23
CA ALA B 143 -5.86 23.84 20.59
C ALA B 143 -6.07 22.70 19.61
N VAL B 144 -6.18 21.47 20.08
CA VAL B 144 -6.28 20.32 19.16
C VAL B 144 -7.45 19.44 19.56
N ILE B 145 -8.33 19.15 18.62
CA ILE B 145 -9.42 18.20 18.82
C ILE B 145 -8.91 16.84 18.43
N GLY B 146 -9.06 15.88 19.34
CA GLY B 146 -8.78 14.47 19.04
C GLY B 146 -10.06 13.70 18.95
N VAL B 147 -10.19 12.89 17.90
CA VAL B 147 -11.31 11.96 17.72
C VAL B 147 -10.75 10.56 17.57
N LEU B 148 -11.27 9.69 18.43
CA LEU B 148 -10.92 8.26 18.39
C LEU B 148 -11.63 7.60 17.22
N MET B 149 -10.95 6.71 16.52
CA MET B 149 -11.50 6.04 15.33
C MET B 149 -11.59 4.53 15.61
N LYS B 150 -12.78 3.96 15.54
CA LYS B 150 -13.08 2.57 15.90
C LYS B 150 -13.26 1.76 14.62
N VAL B 151 -12.48 0.72 14.45
CA VAL B 151 -12.56 -0.10 13.24
C VAL B 151 -13.95 -0.74 13.15
N GLY B 152 -14.53 -0.65 11.97
CA GLY B 152 -15.89 -1.17 11.69
C GLY B 152 -16.28 -0.83 10.30
N GLU B 153 -17.42 -0.20 10.14
CA GLU B 153 -17.96 0.19 8.81
C GLU B 153 -17.03 1.20 8.16
N ALA B 154 -16.90 1.16 6.84
CA ALA B 154 -16.17 2.21 6.11
C ALA B 154 -16.80 3.56 6.40
N ASN B 155 -15.97 4.58 6.58
CA ASN B 155 -16.45 5.93 6.86
C ASN B 155 -16.42 6.73 5.58
N PRO B 156 -17.58 7.03 4.97
CA PRO B 156 -17.56 7.74 3.69
C PRO B 156 -17.07 9.19 3.75
N LYS B 157 -17.00 9.77 4.94
CA LYS B 157 -16.52 11.13 5.14
C LYS B 157 -15.02 11.17 4.89
N LEU B 158 -14.35 10.03 4.96
CA LEU B 158 -12.87 9.95 4.67
C LEU B 158 -12.54 9.91 3.19
N GLN B 159 -13.55 9.75 2.32
CA GLN B 159 -13.32 9.51 0.86
C GLN B 159 -12.36 10.53 0.22
N LYS B 160 -12.62 11.84 0.34
CA LYS B 160 -11.84 12.85 -0.42
C LYS B 160 -10.39 12.74 0.06
N VAL B 161 -10.19 12.53 1.38
CA VAL B 161 -8.81 12.40 1.91
C VAL B 161 -8.14 11.15 1.31
N LEU B 162 -8.81 9.99 1.40
CA LEU B 162 -8.20 8.73 0.97
C LEU B 162 -7.91 8.77 -0.55
N ASP B 163 -8.80 9.37 -1.34
CA ASP B 163 -8.64 9.46 -2.81
C ASP B 163 -7.41 10.30 -3.12
N ALA B 164 -7.03 11.23 -2.24
CA ALA B 164 -5.93 12.19 -2.48
C ALA B 164 -4.58 11.50 -2.30
N LEU B 165 -4.51 10.37 -1.61
CA LEU B 165 -3.23 9.82 -1.13
C LEU B 165 -2.42 9.35 -2.36
N GLN B 166 -3.07 8.92 -3.43
CA GLN B 166 -2.34 8.40 -4.59
C GLN B 166 -1.41 9.45 -5.19
N ALA B 167 -1.66 10.76 -5.02
CA ALA B 167 -0.87 11.87 -5.58
C ALA B 167 0.26 12.25 -4.61
N ILE B 168 0.30 11.70 -3.39
CA ILE B 168 1.35 12.11 -2.41
C ILE B 168 2.00 10.85 -1.84
N LYS B 169 2.34 9.83 -2.66
CA LYS B 169 2.73 8.54 -2.10
C LYS B 169 4.03 8.57 -1.30
N THR B 170 5.01 9.36 -1.75
CA THR B 170 6.36 9.39 -1.18
C THR B 170 6.62 10.68 -0.40
N LYS B 171 7.61 10.60 0.44
CA LYS B 171 8.00 11.72 1.33
C LYS B 171 8.25 12.98 0.50
N GLY B 172 7.65 14.09 0.90
CA GLY B 172 7.84 15.41 0.30
C GLY B 172 6.85 15.74 -0.78
N LYS B 173 6.14 14.73 -1.31
CA LYS B 173 5.13 15.05 -2.33
C LYS B 173 3.97 15.81 -1.70
N ARG B 174 3.33 16.65 -2.51
CA ARG B 174 2.25 17.51 -2.05
C ARG B 174 1.36 17.81 -3.24
N ALA B 175 0.13 18.07 -2.93
CA ALA B 175 -0.85 18.38 -3.96
C ALA B 175 -1.86 19.36 -3.42
N PRO B 176 -2.53 20.16 -4.28
CA PRO B 176 -3.64 20.96 -3.83
C PRO B 176 -4.73 20.07 -3.22
N PHE B 177 -5.39 20.59 -2.18
CA PHE B 177 -6.52 19.94 -1.48
C PHE B 177 -7.46 21.05 -1.03
N THR B 178 -8.57 21.27 -1.79
CA THR B 178 -9.41 22.50 -1.68
C THR B 178 -10.88 22.17 -1.39
N ASN B 179 -11.61 23.18 -0.92
CA ASN B 179 -13.08 23.06 -0.73
C ASN B 179 -13.36 21.85 0.17
N PHE B 180 -12.90 21.94 1.41
CA PHE B 180 -13.12 20.82 2.37
C PHE B 180 -13.27 21.40 3.76
N ASP B 181 -14.40 21.06 4.41
CA ASP B 181 -14.70 21.47 5.82
C ASP B 181 -14.44 20.28 6.72
N PRO B 182 -13.35 20.29 7.51
CA PRO B 182 -13.02 19.11 8.30
C PRO B 182 -13.95 18.90 9.50
N SER B 183 -14.86 19.83 9.80
CA SER B 183 -15.89 19.53 10.83
C SER B 183 -16.77 18.37 10.36
N THR B 184 -16.84 18.02 9.07
CA THR B 184 -17.58 16.85 8.53
C THR B 184 -17.02 15.51 9.05
N LEU B 185 -15.82 15.55 9.61
CA LEU B 185 -15.14 14.34 10.12
C LEU B 185 -15.46 14.13 11.58
N LEU B 186 -15.99 15.13 12.29
CA LEU B 186 -16.28 15.03 13.73
C LEU B 186 -17.53 14.20 13.97
N PRO B 187 -17.67 13.63 15.17
CA PRO B 187 -18.88 12.94 15.59
C PRO B 187 -20.05 13.92 15.74
N SER B 188 -21.25 13.35 15.75
CA SER B 188 -22.52 14.11 15.83
C SER B 188 -22.54 14.92 17.13
N SER B 189 -22.14 14.32 18.24
CA SER B 189 -22.06 14.96 19.57
C SER B 189 -20.62 15.46 19.78
N LEU B 190 -20.45 16.69 20.27
CA LEU B 190 -19.12 17.21 20.64
C LEU B 190 -18.93 17.30 22.16
N ASP B 191 -19.55 16.40 22.94
CA ASP B 191 -19.18 16.18 24.37
C ASP B 191 -17.69 15.87 24.42
N PHE B 192 -16.95 16.44 25.36
CA PHE B 192 -15.48 16.30 25.32
C PHE B 192 -14.88 16.23 26.73
N TRP B 193 -13.67 15.71 26.75
CA TRP B 193 -12.70 15.87 27.83
C TRP B 193 -11.67 16.91 27.44
N THR B 194 -11.07 17.57 28.42
CA THR B 194 -9.96 18.50 28.14
C THR B 194 -8.85 18.34 29.18
N TYR B 195 -7.63 18.48 28.75
CA TYR B 195 -6.49 18.50 29.66
C TYR B 195 -5.38 19.30 28.99
N PRO B 196 -4.43 19.82 29.76
CA PRO B 196 -3.28 20.51 29.21
C PRO B 196 -2.19 19.51 28.83
N GLY B 197 -1.65 19.62 27.61
CA GLY B 197 -0.66 18.67 27.13
C GLY B 197 0.22 19.21 26.04
N SER B 198 0.62 18.35 25.14
CA SER B 198 1.76 18.60 24.24
C SER B 198 1.42 18.14 22.80
N LEU B 199 2.29 18.53 21.90
CA LEU B 199 2.39 17.85 20.61
C LEU B 199 2.73 16.39 20.89
N THR B 200 2.25 15.47 20.09
CA THR B 200 2.49 14.02 20.33
C THR B 200 3.73 13.53 19.60
N HIS B 201 4.45 14.37 18.86
CA HIS B 201 5.73 13.99 18.26
C HIS B 201 6.63 15.22 18.30
N PRO B 202 7.95 15.04 18.06
CA PRO B 202 8.86 16.17 18.11
C PRO B 202 8.29 17.30 17.26
N PRO B 203 8.42 18.56 17.69
CA PRO B 203 9.23 18.97 18.84
C PRO B 203 8.60 18.85 20.23
N LEU B 204 7.42 18.21 20.34
CA LEU B 204 6.83 17.81 21.67
C LEU B 204 6.57 19.02 22.59
N TYR B 205 6.39 20.20 22.03
CA TYR B 205 6.12 21.40 22.85
C TYR B 205 4.88 21.21 23.72
N GLU B 206 4.95 21.66 24.96
CA GLU B 206 3.82 21.56 25.91
C GLU B 206 2.92 22.77 25.74
N SER B 207 2.30 22.88 24.56
CA SER B 207 1.60 24.08 24.09
C SER B 207 0.16 23.76 23.73
N VAL B 208 -0.32 22.55 24.01
CA VAL B 208 -1.61 22.05 23.49
C VAL B 208 -2.68 21.92 24.57
N THR B 209 -3.79 22.60 24.35
CA THR B 209 -5.04 22.35 25.11
C THR B 209 -5.77 21.28 24.32
N TRP B 210 -5.88 20.05 24.86
CA TRP B 210 -6.56 18.95 24.14
C TRP B 210 -8.06 18.97 24.34
N ILE B 211 -8.81 18.74 23.27
CA ILE B 211 -10.27 18.54 23.30
C ILE B 211 -10.49 17.15 22.75
N ILE B 212 -10.69 16.17 23.65
CA ILE B 212 -10.89 14.77 23.21
C ILE B 212 -12.37 14.47 23.18
N CYS B 213 -12.88 14.13 22.01
CA CYS B 213 -14.31 13.86 21.89
C CYS B 213 -14.70 12.58 22.65
N LYS B 214 -15.84 12.59 23.32
CA LYS B 214 -16.34 11.40 24.01
C LYS B 214 -16.74 10.35 22.98
N GLU B 215 -17.31 10.78 21.86
CA GLU B 215 -17.83 9.87 20.81
C GLU B 215 -16.75 9.60 19.75
N SER B 216 -16.72 8.37 19.29
CA SER B 216 -15.80 7.89 18.25
C SER B 216 -16.46 8.06 16.89
N ILE B 217 -15.62 7.94 15.86
CA ILE B 217 -16.09 7.80 14.45
C ILE B 217 -15.56 6.48 13.94
N SER B 218 -16.15 5.98 12.87
CA SER B 218 -15.75 4.67 12.29
CA SER B 218 -15.77 4.68 12.27
C SER B 218 -14.63 4.82 11.26
N VAL B 219 -14.03 3.70 10.93
CA VAL B 219 -13.05 3.55 9.85
C VAL B 219 -13.03 2.07 9.52
N SER B 220 -12.82 1.68 8.27
CA SER B 220 -12.77 0.25 7.91
C SER B 220 -11.33 -0.25 7.92
N SER B 221 -11.17 -1.55 8.00
CA SER B 221 -9.86 -2.21 7.92
C SER B 221 -9.16 -1.81 6.62
N GLU B 222 -9.89 -1.64 5.53
CA GLU B 222 -9.27 -1.32 4.22
C GLU B 222 -8.90 0.17 4.16
N GLN B 223 -9.64 1.03 4.84
CA GLN B 223 -9.29 2.46 4.88
C GLN B 223 -8.01 2.62 5.71
N LEU B 224 -7.84 1.84 6.77
CA LEU B 224 -6.58 1.91 7.55
C LEU B 224 -5.42 1.40 6.68
N ALA B 225 -5.65 0.35 5.88
CA ALA B 225 -4.61 -0.17 4.99
C ALA B 225 -4.16 0.92 4.01
N GLN B 226 -5.05 1.81 3.55
CA GLN B 226 -4.70 2.93 2.64
C GLN B 226 -3.71 3.87 3.35
N PHE B 227 -3.94 4.18 4.63
CA PHE B 227 -2.94 4.98 5.38
C PHE B 227 -1.59 4.26 5.41
N ARG B 228 -1.58 2.96 5.71
CA ARG B 228 -0.30 2.20 5.86
C ARG B 228 0.36 1.97 4.50
N SER B 229 -0.33 2.24 3.40
CA SER B 229 0.24 2.08 2.04
C SER B 229 0.98 3.36 1.64
N LEU B 230 0.88 4.46 2.43
CA LEU B 230 1.74 5.62 2.15
C LEU B 230 3.19 5.23 2.39
N LEU B 231 4.10 5.90 1.71
CA LEU B 231 5.52 5.53 1.80
C LEU B 231 6.29 6.62 2.54
N SER B 232 7.17 6.19 3.44
CA SER B 232 8.04 7.09 4.24
C SER B 232 9.31 7.51 3.46
N ASN B 233 9.66 6.79 2.41
CA ASN B 233 10.89 7.06 1.62
C ASN B 233 10.61 8.15 0.60
N VAL B 234 11.67 8.74 0.05
CA VAL B 234 11.57 9.64 -1.12
C VAL B 234 11.43 8.81 -2.39
N GLU B 235 10.87 9.46 -3.40
CA GLU B 235 10.66 8.85 -4.74
C GLU B 235 11.97 8.23 -5.24
N GLY B 236 11.87 6.99 -5.67
CA GLY B 236 12.97 6.26 -6.33
C GLY B 236 13.68 5.32 -5.40
N ASP B 237 13.71 5.60 -4.10
CA ASP B 237 14.25 4.66 -3.11
C ASP B 237 13.27 3.48 -2.97
N ASN B 238 13.75 2.41 -2.38
CA ASN B 238 12.93 1.21 -2.11
C ASN B 238 11.77 1.69 -1.23
N ALA B 239 10.58 1.21 -1.58
CA ALA B 239 9.33 1.62 -0.91
C ALA B 239 9.31 1.07 0.52
N VAL B 240 9.06 1.93 1.51
CA VAL B 240 8.98 1.59 2.95
C VAL B 240 7.63 2.11 3.45
N PRO B 241 6.66 1.21 3.63
CA PRO B 241 5.32 1.64 4.09
C PRO B 241 5.37 2.32 5.46
N MET B 242 4.46 3.27 5.62
CA MET B 242 4.18 4.00 6.87
C MET B 242 3.33 3.15 7.80
N GLN B 243 3.91 2.20 8.51
CA GLN B 243 3.08 1.19 9.18
C GLN B 243 2.41 1.74 10.44
N HIS B 244 3.04 2.68 11.12
CA HIS B 244 2.54 3.21 12.41
C HIS B 244 3.14 4.55 12.74
N ASN B 245 2.37 5.35 13.50
CA ASN B 245 2.89 6.67 13.92
C ASN B 245 2.19 7.13 15.20
N ASN B 246 1.85 6.20 16.10
CA ASN B 246 1.19 6.51 17.37
C ASN B 246 2.17 6.46 18.54
N ARG B 247 2.22 7.52 19.32
CA ARG B 247 3.03 7.54 20.56
C ARG B 247 2.28 6.82 21.65
N PRO B 248 2.97 6.04 22.51
CA PRO B 248 2.34 5.55 23.73
C PRO B 248 1.82 6.65 24.67
N THR B 249 0.89 6.33 25.54
CA THR B 249 0.40 7.23 26.60
C THR B 249 1.51 7.50 27.61
N GLN B 250 1.52 8.72 28.08
CA GLN B 250 2.52 9.35 28.99
C GLN B 250 1.87 9.65 30.33
N PRO B 251 2.70 9.71 31.39
CA PRO B 251 2.13 9.86 32.71
C PRO B 251 1.44 11.21 32.87
N LEU B 252 0.32 11.19 33.56
CA LEU B 252 -0.49 12.36 33.88
C LEU B 252 0.27 13.35 34.77
N LYS B 253 1.14 12.89 35.68
CA LYS B 253 1.95 13.77 36.55
C LYS B 253 1.04 14.80 37.24
N GLY B 254 -0.08 14.34 37.80
CA GLY B 254 -1.00 15.12 38.64
C GLY B 254 -1.92 16.05 37.85
N ARG B 255 -1.85 16.03 36.52
CA ARG B 255 -2.83 16.83 35.73
C ARG B 255 -4.22 16.25 35.93
N THR B 256 -5.22 17.10 35.69
CA THR B 256 -6.64 16.77 35.82
C THR B 256 -7.26 16.70 34.44
N VAL B 257 -7.98 15.64 34.14
CA VAL B 257 -8.83 15.62 32.91
C VAL B 257 -10.22 16.11 33.28
N ARG B 258 -10.67 17.21 32.67
CA ARG B 258 -12.01 17.80 32.91
C ARG B 258 -13.00 17.28 31.88
N ALA B 259 -14.21 16.97 32.27
CA ALA B 259 -15.34 16.55 31.40
C ALA B 259 -16.32 17.70 31.22
N SER B 260 -16.81 17.89 29.99
CA SER B 260 -17.87 18.83 29.62
C SER B 260 -19.25 18.29 30.02
N PHE B 261 -19.33 17.01 30.35
CA PHE B 261 -20.58 16.22 30.42
C PHE B 261 -20.55 15.35 31.68
#